data_5YNT
#
_entry.id   5YNT
#
_cell.length_a   93.398
_cell.length_b   211.400
_cell.length_c   82.639
_cell.angle_alpha   90.00
_cell.angle_beta   90.00
_cell.angle_gamma   90.00
#
_symmetry.space_group_name_H-M   'C 2 2 21'
#
loop_
_entity.id
_entity.type
_entity.pdbx_description
1 polymer 'aromatic prenyltransferase'
2 non-polymer 'DIMETHYLALLYL DIPHOSPHATE'
3 non-polymer IMIDAZOLE
4 non-polymer GLYCEROL
5 water water
#
_entity_poly.entity_id   1
_entity_poly.type   'polypeptide(L)'
_entity_poly.pdbx_seq_one_letter_code
;GSAGAGAMTIVNRIRTDVVNVAKSFGAEYSEAVIDQIFQGFGEKFTNTGFAIRVQNKRNQKVDCNIRYGEAKENCLAWDI
ARESGLLSDQGHPVDTLIQEMFQAIPAIAYGADFDINYGLVKIWHLPKIVPVEEAFKIPSLPKSVNAHIDFFKKYHLDAL
CALTVDYRNKSTNLYFDAHHPEQRTTQFYKNILQSQQFEVPSDEVLEILVNCPEIAVTFNWSSPGIERMCFYTAFVNRET
VPQHINPVLKKFAQEAPALLDNPGFLVGWSFGPDAKKGTYIKIDVDYHGLVVPSFFHMHNLPLPIPEANSVFDLPSSDTE
DKLNSIVMS
;
_entity_poly.pdbx_strand_id   A,B
#
loop_
_chem_comp.id
_chem_comp.type
_chem_comp.name
_chem_comp.formula
DMA non-polymer 'DIMETHYLALLYL DIPHOSPHATE' 'C5 H12 O7 P2'
GOL non-polymer GLYCEROL 'C3 H8 O3'
IMD non-polymer IMIDAZOLE 'C3 H5 N2 1'
#
# COMPACT_ATOMS: atom_id res chain seq x y z
N SER A 2 -15.25 -27.06 34.30
CA SER A 2 -15.01 -26.36 35.59
C SER A 2 -13.52 -26.25 35.87
N ALA A 3 -12.86 -27.38 36.14
CA ALA A 3 -11.43 -27.50 35.85
C ALA A 3 -11.30 -27.69 34.36
N GLY A 4 -11.21 -26.57 33.65
CA GLY A 4 -11.20 -26.55 32.19
C GLY A 4 -12.52 -26.27 31.46
N ALA A 5 -13.57 -25.82 32.15
CA ALA A 5 -14.87 -25.50 31.49
C ALA A 5 -15.77 -24.59 32.35
N GLY A 6 -16.93 -24.15 31.81
CA GLY A 6 -17.88 -23.29 32.59
C GLY A 6 -17.32 -21.91 32.92
N ALA A 7 -17.69 -21.32 34.05
CA ALA A 7 -17.01 -20.03 34.40
C ALA A 7 -15.53 -20.30 34.65
N MET A 8 -14.69 -19.41 34.13
CA MET A 8 -13.28 -19.58 34.29
C MET A 8 -12.61 -18.29 33.92
N THR A 9 -11.40 -18.13 34.40
CA THR A 9 -10.65 -16.92 34.08
C THR A 9 -10.32 -17.01 32.59
N ILE A 10 -10.08 -15.85 31.99
CA ILE A 10 -9.67 -15.80 30.59
C ILE A 10 -8.43 -16.68 30.42
N VAL A 11 -7.47 -16.55 31.34
CA VAL A 11 -6.22 -17.31 31.14
C VAL A 11 -6.46 -18.83 31.12
N ASN A 12 -7.36 -19.33 31.96
CA ASN A 12 -7.63 -20.76 31.94
C ASN A 12 -8.36 -21.19 30.66
N ARG A 13 -9.15 -20.28 30.09
CA ARG A 13 -9.84 -20.53 28.82
C ARG A 13 -8.78 -20.65 27.73
N ILE A 14 -7.81 -19.75 27.76
CA ILE A 14 -6.73 -19.80 26.80
C ILE A 14 -5.96 -21.13 26.91
N ARG A 15 -5.59 -21.52 28.12
CA ARG A 15 -4.86 -22.77 28.31
C ARG A 15 -5.60 -23.96 27.73
N THR A 16 -6.87 -24.04 28.04
CA THR A 16 -7.66 -25.16 27.55
C THR A 16 -7.72 -25.16 26.04
N ASP A 17 -7.93 -23.99 25.44
CA ASP A 17 -8.02 -23.89 24.00
C ASP A 17 -6.67 -24.28 23.34
N VAL A 18 -5.56 -23.88 23.94
CA VAL A 18 -4.25 -24.24 23.38
C VAL A 18 -4.07 -25.75 23.40
N VAL A 19 -4.39 -26.37 24.53
CA VAL A 19 -4.22 -27.83 24.59
C VAL A 19 -5.15 -28.53 23.61
N ASN A 20 -6.37 -28.01 23.47
CA ASN A 20 -7.32 -28.62 22.54
C ASN A 20 -6.79 -28.57 21.12
N VAL A 21 -6.24 -27.43 20.72
CA VAL A 21 -5.68 -27.31 19.37
C VAL A 21 -4.59 -28.33 19.16
N ALA A 22 -3.67 -28.41 20.11
CA ALA A 22 -2.54 -29.32 19.98
C ALA A 22 -3.03 -30.74 19.80
N LYS A 23 -3.95 -31.15 20.67
CA LYS A 23 -4.48 -32.50 20.55
C LYS A 23 -5.15 -32.70 19.19
N SER A 24 -5.96 -31.77 18.75
CA SER A 24 -6.65 -31.91 17.48
C SER A 24 -5.72 -32.07 16.27
N PHE A 25 -4.62 -31.32 16.26
CA PHE A 25 -3.67 -31.37 15.15
C PHE A 25 -2.54 -32.37 15.36
N GLY A 26 -2.53 -33.05 16.50
CA GLY A 26 -1.51 -34.07 16.74
C GLY A 26 -0.15 -33.49 17.10
N ALA A 27 -0.11 -32.23 17.52
CA ALA A 27 1.15 -31.64 17.92
C ALA A 27 1.61 -32.16 19.27
N GLU A 28 2.91 -32.27 19.44
CA GLU A 28 3.43 -32.62 20.76
C GLU A 28 3.42 -31.42 21.67
N TYR A 29 3.29 -31.70 22.96
CA TYR A 29 3.42 -30.68 23.97
C TYR A 29 3.84 -31.30 25.30
N SER A 30 4.37 -30.47 26.18
CA SER A 30 4.75 -30.86 27.54
C SER A 30 3.94 -30.04 28.53
N GLU A 31 3.26 -30.75 29.42
CA GLU A 31 2.51 -30.09 30.48
C GLU A 31 3.38 -29.17 31.34
N ALA A 32 4.60 -29.60 31.65
CA ALA A 32 5.48 -28.78 32.48
C ALA A 32 5.86 -27.50 31.74
N VAL A 33 6.14 -27.61 30.45
CA VAL A 33 6.49 -26.43 29.66
C VAL A 33 5.30 -25.48 29.55
N ILE A 34 4.13 -26.02 29.28
CA ILE A 34 2.94 -25.14 29.23
C ILE A 34 2.74 -24.40 30.53
N ASP A 35 2.85 -25.12 31.63
CA ASP A 35 2.66 -24.49 32.91
C ASP A 35 3.70 -23.41 33.17
N GLN A 36 4.95 -23.69 32.78
CA GLN A 36 6.03 -22.74 33.00
C GLN A 36 5.80 -21.47 32.17
N ILE A 37 5.34 -21.63 30.95
CA ILE A 37 5.04 -20.49 30.09
C ILE A 37 3.90 -19.66 30.68
N PHE A 38 2.82 -20.32 31.08
CA PHE A 38 1.66 -19.57 31.57
C PHE A 38 1.89 -18.91 32.91
N GLN A 39 2.74 -19.48 33.77
CA GLN A 39 3.00 -18.82 35.05
C GLN A 39 3.59 -17.46 34.78
N GLY A 40 4.46 -17.36 33.78
CA GLY A 40 5.14 -16.11 33.50
C GLY A 40 4.35 -15.17 32.61
N PHE A 41 3.69 -15.74 31.61
CA PHE A 41 3.13 -14.95 30.50
C PHE A 41 1.61 -14.98 30.38
N GLY A 42 0.92 -15.66 31.29
CA GLY A 42 -0.53 -15.86 31.15
C GLY A 42 -1.33 -14.57 31.17
N GLU A 43 -0.89 -13.62 31.98
CA GLU A 43 -1.57 -12.34 32.03
C GLU A 43 -1.34 -11.52 30.75
N LYS A 44 -0.14 -11.61 30.19
CA LYS A 44 0.09 -10.98 28.91
C LYS A 44 -0.84 -11.59 27.86
N PHE A 45 -0.98 -12.92 27.85
CA PHE A 45 -1.79 -13.56 26.81
C PHE A 45 -3.26 -13.08 26.88
N THR A 46 -3.72 -12.76 28.08
CA THR A 46 -5.12 -12.39 28.24
C THR A 46 -5.40 -10.93 27.84
N ASN A 47 -4.39 -10.06 27.84
CA ASN A 47 -4.60 -8.63 27.66
C ASN A 47 -3.97 -7.98 26.45
N THR A 48 -3.24 -8.74 25.64
CA THR A 48 -2.55 -8.18 24.49
C THR A 48 -2.81 -9.00 23.22
N GLY A 49 -2.07 -8.71 22.17
CA GLY A 49 -2.33 -9.38 20.91
C GLY A 49 -1.75 -10.78 20.91
N PHE A 50 -2.60 -11.72 21.24
CA PHE A 50 -2.22 -13.09 21.40
C PHE A 50 -2.66 -13.92 20.22
N ALA A 51 -1.84 -14.90 19.83
CA ALA A 51 -2.21 -15.82 18.77
C ALA A 51 -1.77 -17.23 19.01
N ILE A 52 -2.52 -18.18 18.45
CA ILE A 52 -2.11 -19.58 18.49
C ILE A 52 -1.76 -19.93 17.05
N ARG A 53 -0.65 -20.59 16.85
CA ARG A 53 -0.14 -20.97 15.54
C ARG A 53 -0.05 -22.49 15.42
N VAL A 54 -0.37 -23.03 14.25
CA VAL A 54 0.09 -24.36 13.87
C VAL A 54 0.93 -24.23 12.61
N GLN A 55 1.91 -25.10 12.48
CA GLN A 55 2.73 -25.12 11.26
C GLN A 55 3.01 -26.52 10.91
N ASN A 56 3.23 -26.77 9.62
CA ASN A 56 3.29 -28.16 9.14
C ASN A 56 4.56 -28.48 8.40
N LYS A 57 5.68 -28.59 9.10
CA LYS A 57 6.91 -29.05 8.42
C LYS A 57 6.81 -30.46 7.78
N ARG A 58 7.43 -30.61 6.62
CA ARG A 58 7.39 -31.89 5.93
C ARG A 58 8.01 -32.99 6.79
N ASN A 59 7.46 -34.19 6.69
CA ASN A 59 7.99 -35.36 7.41
C ASN A 59 8.14 -35.13 8.90
N GLN A 60 7.15 -34.50 9.50
CA GLN A 60 7.16 -34.41 10.95
C GLN A 60 5.83 -33.92 11.46
N LYS A 61 5.67 -33.99 12.78
CA LYS A 61 4.39 -33.63 13.33
C LYS A 61 4.19 -32.13 13.18
N VAL A 62 2.93 -31.72 13.11
CA VAL A 62 2.56 -30.31 13.25
C VAL A 62 3.12 -29.79 14.55
N ASP A 63 3.60 -28.54 14.56
CA ASP A 63 4.03 -27.89 15.79
C ASP A 63 2.96 -26.86 16.15
N CYS A 64 2.77 -26.66 17.45
CA CYS A 64 1.85 -25.66 17.97
C CYS A 64 2.63 -24.64 18.77
N ASN A 65 2.53 -23.38 18.38
CA ASN A 65 3.21 -22.26 19.08
C ASN A 65 2.19 -21.28 19.55
N ILE A 66 2.51 -20.60 20.62
CA ILE A 66 1.66 -19.52 21.10
C ILE A 66 2.53 -18.28 21.21
N ARG A 67 1.93 -17.13 20.97
CA ARG A 67 2.71 -15.92 20.90
C ARG A 67 1.87 -14.69 21.23
N TYR A 68 2.57 -13.61 21.51
CA TYR A 68 1.92 -12.35 21.77
C TYR A 68 2.84 -11.19 21.46
N GLY A 69 2.25 -10.03 21.23
CA GLY A 69 2.98 -8.77 21.09
C GLY A 69 2.27 -7.69 21.87
N GLU A 70 3.01 -6.69 22.33
CA GLU A 70 2.39 -5.50 22.93
C GLU A 70 3.24 -4.26 22.71
N ALA A 71 2.57 -3.12 22.73
CA ALA A 71 3.14 -1.86 22.36
C ALA A 71 3.84 -1.26 23.57
N LYS A 72 4.98 -1.82 23.92
CA LYS A 72 5.84 -1.28 24.96
C LYS A 72 7.20 -1.09 24.37
N GLU A 73 7.96 -0.11 24.85
CA GLU A 73 9.23 0.24 24.26
C GLU A 73 10.38 -0.60 24.79
N ASN A 74 10.17 -1.25 25.92
CA ASN A 74 11.18 -2.11 26.51
C ASN A 74 10.81 -3.57 26.33
N CYS A 75 11.83 -4.42 26.35
CA CYS A 75 11.63 -5.83 26.09
C CYS A 75 11.17 -6.55 27.35
N LEU A 76 9.89 -6.46 27.67
CA LEU A 76 9.41 -6.97 28.95
C LEU A 76 9.52 -8.49 29.01
N ALA A 77 9.48 -9.17 27.86
CA ALA A 77 9.57 -10.62 27.87
C ALA A 77 10.88 -11.15 28.44
N TRP A 78 11.96 -10.40 28.28
CA TRP A 78 13.26 -10.92 28.66
C TRP A 78 13.31 -11.21 30.16
N ASP A 79 12.94 -10.22 30.98
CA ASP A 79 12.96 -10.45 32.42
C ASP A 79 12.02 -11.58 32.82
N ILE A 80 10.82 -11.61 32.23
CA ILE A 80 9.87 -12.63 32.56
C ILE A 80 10.42 -14.01 32.21
N ALA A 81 11.01 -14.14 31.03
CA ALA A 81 11.51 -15.44 30.62
C ALA A 81 12.69 -15.84 31.48
N ARG A 82 13.53 -14.86 31.82
CA ARG A 82 14.69 -15.18 32.65
C ARG A 82 14.24 -15.70 34.01
N GLU A 83 13.34 -14.99 34.64
CA GLU A 83 12.82 -15.36 35.93
C GLU A 83 12.04 -16.67 35.92
N SER A 84 11.43 -17.05 34.80
CA SER A 84 10.64 -18.25 34.66
C SER A 84 11.49 -19.48 34.39
N GLY A 85 12.79 -19.30 34.18
CA GLY A 85 13.62 -20.39 33.79
C GLY A 85 13.53 -20.75 32.32
N LEU A 86 12.99 -19.87 31.49
CA LEU A 86 12.84 -20.19 30.08
C LEU A 86 13.98 -19.69 29.19
N LEU A 87 14.94 -18.97 29.76
CA LEU A 87 15.95 -18.37 28.89
C LEU A 87 17.30 -18.43 29.54
N SER A 88 18.02 -19.52 29.31
CA SER A 88 19.35 -19.67 29.88
C SER A 88 20.39 -19.32 28.84
N ASP A 89 21.52 -18.77 29.25
CA ASP A 89 22.59 -18.47 28.31
C ASP A 89 23.11 -19.77 27.71
N GLN A 90 23.45 -19.70 26.44
CA GLN A 90 24.00 -20.83 25.70
C GLN A 90 25.47 -20.68 25.30
N GLY A 91 26.09 -19.55 25.62
CA GLY A 91 27.48 -19.34 25.18
C GLY A 91 27.53 -19.10 23.70
N HIS A 92 26.75 -18.13 23.26
CA HIS A 92 26.43 -18.01 21.85
C HIS A 92 26.02 -16.57 21.60
N PRO A 93 26.16 -16.10 20.36
CA PRO A 93 25.72 -14.75 20.01
C PRO A 93 24.26 -14.48 20.36
N VAL A 94 23.39 -15.47 20.32
CA VAL A 94 21.99 -15.19 20.67
C VAL A 94 21.81 -14.63 22.07
N ASP A 95 22.69 -14.99 23.01
CA ASP A 95 22.51 -14.59 24.40
C ASP A 95 22.38 -13.09 24.63
N THR A 96 23.12 -12.25 23.88
CA THR A 96 23.03 -10.82 24.06
C THR A 96 22.31 -10.09 22.92
N LEU A 97 21.87 -10.83 21.90
CA LEU A 97 21.36 -10.19 20.68
C LEU A 97 20.10 -9.37 20.86
N ILE A 98 19.12 -9.83 21.63
CA ILE A 98 17.89 -9.02 21.76
C ILE A 98 18.20 -7.73 22.54
N GLN A 99 19.12 -7.83 23.50
CA GLN A 99 19.54 -6.67 24.24
C GLN A 99 20.20 -5.64 23.33
N GLU A 100 21.03 -6.12 22.41
CA GLU A 100 21.73 -5.26 21.46
C GLU A 100 20.72 -4.60 20.53
N MET A 101 19.70 -5.35 20.14
CA MET A 101 18.70 -4.79 19.25
C MET A 101 17.98 -3.63 19.91
N PHE A 102 17.58 -3.79 21.16
CA PHE A 102 16.89 -2.72 21.85
C PHE A 102 17.79 -1.55 22.18
N GLN A 103 19.08 -1.77 22.26
CA GLN A 103 20.03 -0.65 22.43
C GLN A 103 20.19 0.09 21.12
N ALA A 104 20.24 -0.64 20.01
CA ALA A 104 20.64 -0.02 18.76
C ALA A 104 19.54 0.74 18.07
N ILE A 105 18.31 0.24 18.20
CA ILE A 105 17.17 0.81 17.47
C ILE A 105 15.99 0.93 18.43
N PRO A 106 15.41 2.13 18.55
CA PRO A 106 14.29 2.25 19.50
C PRO A 106 13.16 1.35 19.05
N ALA A 107 12.51 0.72 20.00
CA ALA A 107 11.34 -0.10 19.69
C ALA A 107 10.04 0.62 20.02
N ILE A 108 9.00 0.34 19.24
CA ILE A 108 7.66 0.77 19.59
C ILE A 108 6.82 -0.41 20.08
N ALA A 109 7.33 -1.63 19.93
CA ALA A 109 6.69 -2.81 20.46
C ALA A 109 7.66 -3.97 20.57
N TYR A 110 7.23 -5.02 21.25
CA TYR A 110 8.05 -6.25 21.39
C TYR A 110 7.07 -7.42 21.42
N GLY A 111 7.58 -8.62 21.27
CA GLY A 111 6.74 -9.80 21.44
C GLY A 111 7.56 -11.01 21.79
N ALA A 112 6.88 -12.14 21.98
CA ALA A 112 7.57 -13.39 22.22
C ALA A 112 6.73 -14.54 21.68
N ASP A 113 7.42 -15.64 21.44
CA ASP A 113 6.88 -16.80 20.81
C ASP A 113 7.37 -18.07 21.52
N PHE A 114 6.48 -19.04 21.70
CA PHE A 114 6.77 -20.24 22.49
C PHE A 114 6.26 -21.48 21.77
N ASP A 115 7.09 -22.52 21.76
CA ASP A 115 6.64 -23.82 21.28
C ASP A 115 6.22 -24.59 22.50
N ILE A 116 5.01 -25.11 22.51
CA ILE A 116 4.49 -25.71 23.74
C ILE A 116 5.12 -27.06 24.08
N ASN A 117 5.98 -27.57 23.20
CA ASN A 117 6.75 -28.76 23.49
C ASN A 117 8.18 -28.44 23.87
N TYR A 118 8.51 -27.17 24.05
CA TYR A 118 9.91 -26.75 24.24
C TYR A 118 10.07 -25.62 25.26
N GLY A 119 9.41 -24.50 25.02
CA GLY A 119 9.61 -23.28 25.81
C GLY A 119 9.66 -22.04 24.93
N LEU A 120 10.41 -21.03 25.37
CA LEU A 120 10.55 -19.80 24.61
C LEU A 120 11.39 -20.08 23.39
N VAL A 121 10.90 -19.65 22.22
CA VAL A 121 11.66 -19.83 20.99
C VAL A 121 12.24 -18.50 20.53
N LYS A 122 11.43 -17.45 20.48
CA LYS A 122 11.87 -16.14 20.01
C LYS A 122 11.38 -14.99 20.89
N ILE A 123 12.13 -13.89 20.81
CA ILE A 123 11.68 -12.60 21.26
C ILE A 123 11.79 -11.67 20.04
N TRP A 124 10.81 -10.77 19.90
CA TRP A 124 10.70 -9.86 18.75
C TRP A 124 10.95 -8.45 19.24
N HIS A 125 11.54 -7.69 18.34
CA HIS A 125 11.74 -6.23 18.47
C HIS A 125 11.00 -5.60 17.27
N LEU A 126 10.14 -4.62 17.53
CA LEU A 126 9.45 -3.91 16.46
C LEU A 126 9.73 -2.43 16.56
N PRO A 127 10.57 -1.91 15.64
CA PRO A 127 10.75 -0.46 15.63
C PRO A 127 9.68 0.18 14.77
N LYS A 128 9.71 1.50 14.66
CA LYS A 128 9.06 2.11 13.52
C LYS A 128 9.83 1.66 12.28
N ILE A 129 9.25 1.76 11.10
CA ILE A 129 9.95 1.34 9.90
C ILE A 129 11.20 2.20 9.72
N VAL A 130 12.33 1.54 9.55
CA VAL A 130 13.60 2.23 9.42
C VAL A 130 14.39 1.67 8.27
N PRO A 131 15.41 2.39 7.84
CA PRO A 131 16.26 1.84 6.80
C PRO A 131 16.99 0.62 7.33
N VAL A 132 17.17 -0.31 6.49
CA VAL A 132 17.71 -1.58 6.94
C VAL A 132 19.14 -1.45 7.43
N GLU A 133 19.75 -0.50 6.96
CA GLU A 133 21.10 -0.23 7.41
C GLU A 133 21.18 0.08 8.91
N GLU A 134 20.18 0.48 9.55
CA GLU A 134 20.20 0.67 11.00
CA GLU A 134 20.22 0.69 10.99
C GLU A 134 20.53 -0.63 11.73
N ALA A 135 20.24 -1.78 11.13
CA ALA A 135 20.51 -3.06 11.79
C ALA A 135 22.02 -3.37 11.83
N PHE A 136 22.80 -2.77 10.96
CA PHE A 136 24.21 -3.15 10.85
C PHE A 136 25.04 -2.71 12.03
N LYS A 137 24.47 -1.86 12.87
CA LYS A 137 25.04 -1.44 14.15
C LYS A 137 25.14 -2.54 15.19
N ILE A 138 24.33 -3.58 15.03
CA ILE A 138 24.11 -4.58 16.08
C ILE A 138 25.30 -5.54 16.06
N PRO A 139 26.09 -5.59 17.15
CA PRO A 139 27.35 -6.33 17.12
C PRO A 139 27.25 -7.78 16.74
N SER A 140 26.28 -8.48 17.29
CA SER A 140 26.27 -9.93 17.24
C SER A 140 25.41 -10.51 16.12
N LEU A 141 24.96 -9.67 15.19
CA LEU A 141 24.26 -10.19 14.01
C LEU A 141 25.19 -11.09 13.24
N PRO A 142 24.62 -12.12 12.62
CA PRO A 142 25.47 -12.96 11.78
C PRO A 142 26.14 -12.15 10.70
N LYS A 143 27.39 -12.53 10.37
CA LYS A 143 28.17 -11.85 9.32
C LYS A 143 27.43 -11.88 7.98
N SER A 144 26.60 -12.90 7.79
CA SER A 144 25.84 -13.01 6.55
C SER A 144 24.90 -11.85 6.29
N VAL A 145 24.41 -11.19 7.34
CA VAL A 145 23.49 -10.08 7.14
C VAL A 145 24.17 -8.95 6.37
N ASN A 146 25.32 -8.49 6.82
CA ASN A 146 26.02 -7.43 6.10
C ASN A 146 26.37 -7.86 4.70
N ALA A 147 26.68 -9.13 4.52
CA ALA A 147 27.05 -9.64 3.21
C ALA A 147 25.91 -9.61 2.21
N HIS A 148 24.67 -9.46 2.68
CA HIS A 148 23.51 -9.43 1.79
C HIS A 148 22.99 -8.04 1.48
N ILE A 149 23.79 -7.02 1.74
CA ILE A 149 23.44 -5.65 1.41
C ILE A 149 22.93 -5.49 -0.02
N ASP A 150 23.64 -6.04 -0.99
CA ASP A 150 23.21 -5.89 -2.39
C ASP A 150 21.94 -6.66 -2.69
N PHE A 151 21.80 -7.84 -2.08
CA PHE A 151 20.56 -8.61 -2.21
C PHE A 151 19.38 -7.79 -1.68
N PHE A 152 19.52 -7.20 -0.50
CA PHE A 152 18.38 -6.43 0.07
C PHE A 152 17.99 -5.29 -0.90
N LYS A 153 18.99 -4.57 -1.40
CA LYS A 153 18.73 -3.48 -2.35
C LYS A 153 17.99 -3.97 -3.58
N LYS A 154 18.49 -5.05 -4.17
CA LYS A 154 17.92 -5.56 -5.40
C LYS A 154 16.45 -5.92 -5.29
N TYR A 155 16.06 -6.49 -4.14
CA TYR A 155 14.70 -6.98 -3.97
C TYR A 155 13.85 -6.04 -3.16
N HIS A 156 14.27 -4.79 -3.07
CA HIS A 156 13.53 -3.74 -2.39
C HIS A 156 13.23 -4.07 -0.95
N LEU A 157 14.24 -4.63 -0.30
CA LEU A 157 14.17 -4.89 1.12
C LEU A 157 14.95 -3.78 1.78
N ASP A 158 14.36 -2.59 1.72
CA ASP A 158 15.00 -1.41 2.23
C ASP A 158 14.39 -0.95 3.55
N ALA A 159 13.20 -1.45 3.87
CA ALA A 159 12.42 -0.90 4.96
C ALA A 159 12.22 -1.96 6.03
N LEU A 160 13.04 -1.90 7.06
CA LEU A 160 13.03 -2.91 8.10
C LEU A 160 11.88 -2.60 9.06
N CYS A 161 11.04 -3.60 9.36
CA CYS A 161 9.87 -3.37 10.22
C CYS A 161 9.84 -4.22 11.48
N ALA A 162 10.77 -5.18 11.59
CA ALA A 162 10.93 -6.00 12.82
C ALA A 162 12.22 -6.81 12.77
N LEU A 163 12.62 -7.30 13.94
CA LEU A 163 13.75 -8.18 14.12
C LEU A 163 13.37 -9.22 15.16
N THR A 164 13.93 -10.39 15.04
CA THR A 164 13.73 -11.41 16.04
C THR A 164 14.97 -12.24 16.27
N VAL A 165 15.03 -12.83 17.45
CA VAL A 165 16.09 -13.74 17.83
C VAL A 165 15.48 -15.08 18.17
N ASP A 166 15.94 -16.14 17.50
CA ASP A 166 15.48 -17.49 17.74
C ASP A 166 16.54 -18.24 18.54
N TYR A 167 16.25 -18.38 19.82
CA TYR A 167 17.17 -18.98 20.79
C TYR A 167 17.29 -20.49 20.57
N ARG A 168 16.23 -21.10 20.06
CA ARG A 168 16.26 -22.53 19.84
C ARG A 168 17.07 -22.88 18.60
N ASN A 169 16.74 -22.24 17.48
CA ASN A 169 17.29 -22.55 16.16
C ASN A 169 18.62 -21.84 15.95
N LYS A 170 18.95 -20.90 16.82
CA LYS A 170 20.18 -20.10 16.70
C LYS A 170 20.20 -19.34 15.39
N SER A 171 19.14 -18.57 15.20
CA SER A 171 19.00 -17.78 13.99
C SER A 171 18.38 -16.44 14.29
N THR A 172 18.38 -15.56 13.30
CA THR A 172 17.76 -14.26 13.46
C THR A 172 17.02 -13.95 12.17
N ASN A 173 15.88 -13.28 12.30
CA ASN A 173 15.11 -12.88 11.12
C ASN A 173 15.09 -11.37 11.04
N LEU A 174 15.25 -10.87 9.83
CA LEU A 174 14.95 -9.47 9.53
C LEU A 174 13.61 -9.45 8.77
N TYR A 175 12.72 -8.56 9.17
CA TYR A 175 11.40 -8.45 8.53
C TYR A 175 11.35 -7.13 7.80
N PHE A 176 10.73 -7.15 6.62
CA PHE A 176 10.66 -5.97 5.75
C PHE A 176 9.21 -5.66 5.40
N ASP A 177 8.94 -4.37 5.34
CA ASP A 177 7.69 -3.83 4.82
C ASP A 177 7.74 -3.98 3.31
N ALA A 178 6.86 -4.79 2.75
CA ALA A 178 6.91 -5.09 1.33
C ALA A 178 6.09 -4.07 0.55
N HIS A 179 6.57 -2.84 0.55
CA HIS A 179 5.81 -1.72 0.04
C HIS A 179 5.93 -1.52 -1.46
N HIS A 180 6.94 -2.09 -2.07
CA HIS A 180 7.27 -1.71 -3.44
C HIS A 180 6.33 -2.37 -4.46
N PRO A 181 5.94 -1.63 -5.49
CA PRO A 181 4.98 -2.19 -6.45
C PRO A 181 5.49 -3.44 -7.17
N GLU A 182 6.81 -3.60 -7.31
CA GLU A 182 7.32 -4.85 -7.87
C GLU A 182 6.90 -6.02 -7.01
N GLN A 183 6.72 -5.78 -5.72
CA GLN A 183 6.30 -6.86 -4.80
C GLN A 183 4.79 -7.19 -4.92
N ARG A 184 4.09 -6.51 -5.83
CA ARG A 184 2.73 -6.84 -6.19
C ARG A 184 2.68 -7.75 -7.43
N THR A 185 3.84 -8.24 -7.88
CA THR A 185 3.91 -9.06 -9.06
C THR A 185 4.38 -10.46 -8.76
N THR A 186 3.80 -11.45 -9.44
CA THR A 186 4.23 -12.84 -9.18
C THR A 186 5.70 -13.04 -9.56
N GLN A 187 6.19 -12.30 -10.56
CA GLN A 187 7.56 -12.48 -10.98
C GLN A 187 8.55 -12.15 -9.88
N PHE A 188 8.22 -11.17 -9.05
CA PHE A 188 9.11 -10.84 -7.91
C PHE A 188 9.39 -12.05 -7.03
N TYR A 189 8.33 -12.80 -6.73
CA TYR A 189 8.45 -13.93 -5.81
C TYR A 189 9.21 -15.07 -6.48
N LYS A 190 8.99 -15.26 -7.76
CA LYS A 190 9.78 -16.25 -8.49
C LYS A 190 11.24 -15.88 -8.43
N ASN A 191 11.54 -14.61 -8.69
CA ASN A 191 12.91 -14.16 -8.74
C ASN A 191 13.58 -14.28 -7.39
N ILE A 192 12.94 -13.77 -6.35
CA ILE A 192 13.57 -13.81 -5.02
C ILE A 192 13.83 -15.23 -4.53
N LEU A 193 12.89 -16.14 -4.78
CA LEU A 193 13.07 -17.53 -4.42
C LEU A 193 14.20 -18.17 -5.24
N GLN A 194 14.19 -17.96 -6.56
CA GLN A 194 15.23 -18.56 -7.38
C GLN A 194 16.62 -17.96 -7.03
N SER A 195 16.68 -16.75 -6.50
CA SER A 195 17.96 -16.17 -6.13
C SER A 195 18.65 -17.00 -5.06
N GLN A 196 17.87 -17.69 -4.24
CA GLN A 196 18.42 -18.53 -3.16
C GLN A 196 18.29 -20.02 -3.47
N GLN A 197 17.89 -20.34 -4.69
CA GLN A 197 17.71 -21.75 -5.05
C GLN A 197 16.65 -22.41 -4.19
N PHE A 198 15.59 -21.68 -3.89
CA PHE A 198 14.48 -22.20 -3.14
C PHE A 198 13.39 -22.63 -4.11
N GLU A 199 12.56 -23.60 -3.78
CA GLU A 199 11.57 -23.99 -4.77
C GLU A 199 10.44 -22.99 -4.91
N VAL A 200 9.98 -22.83 -6.13
CA VAL A 200 8.94 -21.87 -6.44
C VAL A 200 7.63 -22.58 -6.36
N PRO A 201 6.65 -22.00 -5.66
CA PRO A 201 5.38 -22.64 -5.49
C PRO A 201 4.50 -22.51 -6.71
N SER A 202 3.30 -23.09 -6.63
CA SER A 202 2.36 -23.11 -7.75
C SER A 202 1.96 -21.69 -8.11
N ASP A 203 1.39 -21.52 -9.29
CA ASP A 203 0.85 -20.22 -9.70
C ASP A 203 -0.22 -19.79 -8.72
N GLU A 204 -0.99 -20.74 -8.22
CA GLU A 204 -2.04 -20.41 -7.30
C GLU A 204 -1.49 -19.73 -6.06
N VAL A 205 -0.42 -20.28 -5.50
CA VAL A 205 0.20 -19.66 -4.33
C VAL A 205 0.85 -18.32 -4.69
N LEU A 206 1.48 -18.26 -5.87
CA LEU A 206 2.10 -17.01 -6.28
C LEU A 206 1.07 -15.87 -6.33
N GLU A 207 -0.15 -16.17 -6.75
CA GLU A 207 -1.19 -15.14 -6.84
C GLU A 207 -1.66 -14.68 -5.49
N ILE A 208 -1.43 -15.52 -4.48
CA ILE A 208 -1.69 -15.12 -3.10
C ILE A 208 -0.58 -14.22 -2.56
N LEU A 209 0.67 -14.56 -2.87
CA LEU A 209 1.84 -13.84 -2.35
C LEU A 209 1.89 -12.37 -2.77
N VAL A 210 1.26 -12.03 -3.87
CA VAL A 210 1.33 -10.66 -4.33
C VAL A 210 0.66 -9.70 -3.35
N ASN A 211 -0.17 -10.23 -2.44
CA ASN A 211 -0.78 -9.38 -1.44
C ASN A 211 0.00 -9.31 -0.12
N CYS A 212 1.17 -9.93 -0.09
CA CYS A 212 1.96 -10.01 1.12
C CYS A 212 2.54 -8.66 1.54
N PRO A 213 2.20 -8.16 2.73
CA PRO A 213 2.81 -6.88 3.15
C PRO A 213 4.13 -7.02 3.90
N GLU A 214 4.54 -8.23 4.24
CA GLU A 214 5.71 -8.43 5.07
C GLU A 214 6.52 -9.63 4.63
N ILE A 215 7.82 -9.45 4.52
CA ILE A 215 8.76 -10.48 4.10
C ILE A 215 9.80 -10.68 5.20
N ALA A 216 9.99 -11.91 5.65
CA ALA A 216 11.07 -12.23 6.58
C ALA A 216 12.18 -12.96 5.83
N VAL A 217 13.41 -12.71 6.28
CA VAL A 217 14.59 -13.38 5.80
C VAL A 217 15.38 -13.85 7.03
N THR A 218 15.73 -15.11 7.01
CA THR A 218 16.38 -15.76 8.14
C THR A 218 17.88 -15.99 7.86
N PHE A 219 18.70 -15.61 8.82
CA PHE A 219 20.16 -15.72 8.79
C PHE A 219 20.64 -16.51 10.00
N ASN A 220 21.79 -17.16 9.88
CA ASN A 220 22.35 -17.85 11.02
C ASN A 220 23.87 -17.74 11.05
N TRP A 221 24.48 -18.25 12.12
CA TRP A 221 25.91 -18.06 12.36
C TRP A 221 26.72 -19.23 11.83
N SER A 222 26.06 -20.24 11.31
CA SER A 222 26.77 -21.44 10.85
C SER A 222 26.98 -21.51 9.34
N SER A 223 26.42 -20.56 8.61
CA SER A 223 26.51 -20.62 7.16
C SER A 223 26.39 -19.22 6.59
N PRO A 224 26.86 -19.05 5.37
CA PRO A 224 26.93 -17.70 4.82
C PRO A 224 25.66 -17.29 4.09
N GLY A 225 24.75 -18.24 3.83
CA GLY A 225 23.57 -17.93 3.03
C GLY A 225 22.28 -17.75 3.84
N ILE A 226 21.25 -17.33 3.14
CA ILE A 226 19.91 -17.21 3.71
C ILE A 226 19.36 -18.61 4.02
N GLU A 227 18.91 -18.80 5.24
CA GLU A 227 18.46 -20.12 5.65
C GLU A 227 17.08 -20.44 5.08
N ARG A 228 16.21 -19.44 5.10
CA ARG A 228 14.84 -19.57 4.61
C ARG A 228 14.24 -18.16 4.56
N MET A 229 13.12 -18.02 3.87
CA MET A 229 12.41 -16.74 3.86
C MET A 229 10.92 -17.03 3.94
N CYS A 230 10.17 -16.04 4.38
CA CYS A 230 8.76 -16.24 4.62
C CYS A 230 7.97 -15.02 4.20
N PHE A 231 6.84 -15.26 3.56
CA PHE A 231 5.94 -14.22 3.07
C PHE A 231 4.63 -14.31 3.86
N TYR A 232 4.26 -13.21 4.50
CA TYR A 232 3.09 -13.15 5.37
C TYR A 232 1.92 -12.50 4.69
N THR A 233 0.74 -13.11 4.81
CA THR A 233 -0.49 -12.61 4.27
C THR A 233 -1.55 -12.74 5.34
N ALA A 234 -2.44 -11.76 5.45
CA ALA A 234 -3.47 -11.84 6.47
C ALA A 234 -4.81 -11.98 5.82
N PHE A 235 -5.73 -12.58 6.56
CA PHE A 235 -7.09 -12.80 6.08
C PHE A 235 -8.02 -12.42 7.18
N VAL A 236 -9.04 -11.66 6.85
CA VAL A 236 -9.81 -10.99 7.91
C VAL A 236 -10.85 -11.88 8.56
N ASN A 237 -11.15 -13.05 7.99
CA ASN A 237 -12.03 -14.01 8.64
C ASN A 237 -11.77 -15.42 8.17
N ARG A 238 -12.46 -16.38 8.78
CA ARG A 238 -12.30 -17.81 8.50
C ARG A 238 -12.47 -18.13 7.00
N GLU A 239 -13.48 -17.54 6.40
CA GLU A 239 -13.93 -17.89 5.08
C GLU A 239 -12.93 -17.43 4.02
N THR A 240 -12.21 -16.34 4.28
CA THR A 240 -11.29 -15.84 3.29
C THR A 240 -9.91 -16.46 3.33
N VAL A 241 -9.61 -17.29 4.32
CA VAL A 241 -8.37 -18.03 4.29
C VAL A 241 -8.41 -18.97 3.09
N PRO A 242 -7.30 -19.13 2.36
CA PRO A 242 -7.37 -20.02 1.19
C PRO A 242 -7.37 -21.47 1.61
N GLN A 243 -8.49 -21.94 2.07
CA GLN A 243 -8.59 -23.27 2.67
C GLN A 243 -8.26 -24.39 1.68
N HIS A 244 -8.51 -24.14 0.41
CA HIS A 244 -8.28 -25.15 -0.61
C HIS A 244 -6.80 -25.43 -0.90
N ILE A 245 -5.89 -24.60 -0.42
CA ILE A 245 -4.48 -24.83 -0.75
C ILE A 245 -3.86 -25.98 0.00
N ASN A 246 -4.30 -26.23 1.21
CA ASN A 246 -3.64 -27.21 2.06
C ASN A 246 -4.62 -27.60 3.15
N PRO A 247 -4.65 -28.88 3.52
CA PRO A 247 -5.65 -29.31 4.51
C PRO A 247 -5.46 -28.71 5.92
N VAL A 248 -4.25 -28.30 6.28
CA VAL A 248 -4.06 -27.67 7.58
C VAL A 248 -4.65 -26.25 7.61
N LEU A 249 -4.54 -25.55 6.50
CA LEU A 249 -5.18 -24.27 6.37
C LEU A 249 -6.68 -24.39 6.51
N LYS A 250 -7.26 -25.38 5.84
CA LYS A 250 -8.69 -25.54 5.91
C LYS A 250 -9.16 -25.87 7.31
N LYS A 251 -8.56 -26.88 7.88
CA LYS A 251 -8.95 -27.32 9.20
C LYS A 251 -8.77 -26.24 10.27
N PHE A 252 -7.60 -25.57 10.26
CA PHE A 252 -7.36 -24.53 11.23
C PHE A 252 -8.27 -23.34 11.03
N ALA A 253 -8.50 -22.90 9.80
CA ALA A 253 -9.43 -21.76 9.63
C ALA A 253 -10.79 -22.10 10.19
N GLN A 254 -11.26 -23.31 9.90
CA GLN A 254 -12.60 -23.69 10.30
C GLN A 254 -12.71 -23.94 11.78
N GLU A 255 -11.66 -24.49 12.41
CA GLU A 255 -11.76 -25.02 13.78
C GLU A 255 -10.93 -24.32 14.85
N ALA A 256 -10.01 -23.46 14.46
CA ALA A 256 -9.16 -22.83 15.47
C ALA A 256 -10.03 -22.10 16.47
N PRO A 257 -9.67 -22.18 17.76
CA PRO A 257 -10.45 -21.47 18.77
C PRO A 257 -10.08 -20.01 18.82
N ALA A 258 -11.05 -19.19 19.22
CA ALA A 258 -10.78 -17.79 19.46
C ALA A 258 -11.79 -17.29 20.45
N LEU A 259 -11.42 -16.29 21.20
CA LEU A 259 -12.34 -15.76 22.23
C LEU A 259 -13.30 -14.80 21.57
N LEU A 260 -12.81 -14.16 20.53
CA LEU A 260 -13.63 -13.31 19.74
C LEU A 260 -14.36 -14.21 18.77
N ASP A 261 -15.61 -13.92 18.52
CA ASP A 261 -16.42 -14.72 17.62
C ASP A 261 -15.98 -14.68 16.16
N ASN A 262 -15.40 -13.58 15.71
CA ASN A 262 -15.07 -13.51 14.30
C ASN A 262 -13.61 -13.20 14.01
N PRO A 263 -12.72 -14.19 14.21
CA PRO A 263 -11.28 -13.87 14.09
C PRO A 263 -10.74 -13.90 12.69
N GLY A 264 -9.71 -13.09 12.45
CA GLY A 264 -8.89 -13.21 11.27
C GLY A 264 -7.70 -14.09 11.52
N PHE A 265 -6.87 -14.25 10.49
CA PHE A 265 -5.72 -15.13 10.52
C PHE A 265 -4.52 -14.48 9.83
N LEU A 266 -3.31 -14.90 10.22
CA LEU A 266 -2.09 -14.53 9.51
C LEU A 266 -1.47 -15.81 9.01
N VAL A 267 -1.17 -15.89 7.73
CA VAL A 267 -0.53 -17.06 7.17
C VAL A 267 0.86 -16.71 6.68
N GLY A 268 1.83 -17.54 7.06
CA GLY A 268 3.21 -17.39 6.58
C GLY A 268 3.55 -18.51 5.61
N TRP A 269 3.93 -18.14 4.40
CA TRP A 269 4.36 -19.11 3.42
C TRP A 269 5.89 -19.17 3.44
N SER A 270 6.45 -20.21 4.03
CA SER A 270 7.90 -20.34 4.17
C SER A 270 8.50 -21.17 3.04
N PHE A 271 9.68 -20.74 2.60
CA PHE A 271 10.47 -21.44 1.60
C PHE A 271 11.92 -21.61 2.01
N GLY A 272 12.49 -22.74 1.63
CA GLY A 272 13.89 -23.02 1.85
C GLY A 272 14.43 -23.90 0.76
N PRO A 273 15.65 -24.42 0.93
CA PRO A 273 16.31 -25.28 -0.06
C PRO A 273 15.56 -26.58 -0.32
N LYS A 277 13.23 -28.99 3.40
CA LYS A 277 13.41 -28.21 4.61
C LYS A 277 13.26 -26.73 4.28
N GLY A 278 12.54 -26.01 5.14
CA GLY A 278 12.37 -24.59 5.04
C GLY A 278 11.08 -24.26 4.31
N THR A 279 10.48 -25.25 3.62
CA THR A 279 9.24 -25.01 2.84
C THR A 279 7.98 -25.57 3.49
N TYR A 280 7.14 -24.69 4.01
CA TYR A 280 5.98 -25.11 4.74
C TYR A 280 5.09 -23.91 4.98
N ILE A 281 3.98 -24.14 5.67
CA ILE A 281 3.02 -23.11 5.96
C ILE A 281 2.85 -22.94 7.47
N LYS A 282 2.63 -21.70 7.89
CA LYS A 282 2.37 -21.33 9.27
C LYS A 282 1.02 -20.62 9.27
N ILE A 283 0.14 -20.89 10.22
CA ILE A 283 -1.08 -20.15 10.30
C ILE A 283 -1.42 -19.83 11.74
N ASP A 284 -1.74 -18.57 12.00
CA ASP A 284 -2.01 -18.06 13.32
C ASP A 284 -3.46 -17.58 13.38
N VAL A 285 -4.19 -17.95 14.43
CA VAL A 285 -5.50 -17.35 14.65
C VAL A 285 -5.37 -16.10 15.51
N ASP A 286 -6.06 -15.04 15.12
CA ASP A 286 -6.06 -13.77 15.85
C ASP A 286 -7.06 -13.88 17.03
N TYR A 287 -6.58 -14.49 18.09
CA TYR A 287 -7.43 -15.00 19.17
C TYR A 287 -8.33 -13.93 19.82
N HIS A 288 -7.82 -12.71 19.99
CA HIS A 288 -8.61 -11.61 20.54
C HIS A 288 -8.98 -10.57 19.49
N GLY A 289 -8.57 -10.81 18.25
CA GLY A 289 -8.89 -9.87 17.18
C GLY A 289 -8.02 -8.63 17.10
N LEU A 290 -6.94 -8.59 17.88
CA LEU A 290 -6.06 -7.43 17.87
C LEU A 290 -4.93 -7.48 16.85
N VAL A 291 -4.51 -8.68 16.49
CA VAL A 291 -3.30 -8.86 15.70
C VAL A 291 -3.48 -8.40 14.26
N VAL A 292 -4.57 -8.81 13.60
CA VAL A 292 -4.70 -8.48 12.18
C VAL A 292 -4.83 -6.97 11.92
N PRO A 293 -5.67 -6.25 12.65
CA PRO A 293 -5.68 -4.79 12.45
C PRO A 293 -4.32 -4.15 12.68
N SER A 294 -3.61 -4.62 13.70
CA SER A 294 -2.28 -4.09 14.00
C SER A 294 -1.29 -4.36 12.85
N PHE A 295 -1.38 -5.54 12.27
CA PHE A 295 -0.57 -5.92 11.11
C PHE A 295 -0.77 -4.98 9.91
N PHE A 296 -2.02 -4.71 9.55
CA PHE A 296 -2.27 -3.78 8.47
C PHE A 296 -1.77 -2.39 8.82
N HIS A 297 -2.06 -1.96 10.04
CA HIS A 297 -1.62 -0.67 10.47
C HIS A 297 -0.10 -0.49 10.46
N MET A 298 0.64 -1.47 10.93
CA MET A 298 2.09 -1.37 10.90
C MET A 298 2.67 -1.29 9.48
N HIS A 299 1.92 -1.74 8.48
CA HIS A 299 2.33 -1.67 7.08
C HIS A 299 1.65 -0.56 6.26
N ASN A 300 1.06 0.37 6.99
CA ASN A 300 0.42 1.53 6.42
C ASN A 300 -0.63 1.15 5.38
N LEU A 301 -1.40 0.12 5.68
CA LEU A 301 -2.44 -0.34 4.79
C LEU A 301 -3.78 -0.16 5.46
N PRO A 302 -4.76 0.30 4.68
CA PRO A 302 -6.14 0.25 5.18
C PRO A 302 -6.55 -1.17 5.48
N LEU A 303 -7.45 -1.33 6.43
CA LEU A 303 -7.97 -2.63 6.80
C LEU A 303 -8.91 -3.15 5.72
N PRO A 304 -8.67 -4.38 5.19
CA PRO A 304 -9.63 -4.97 4.28
C PRO A 304 -10.75 -5.70 5.02
N SER B 2 -26.43 7.67 -33.05
CA SER B 2 -27.77 7.96 -32.47
C SER B 2 -27.96 7.12 -31.20
N ALA B 3 -27.58 7.70 -30.07
CA ALA B 3 -27.66 6.99 -28.79
C ALA B 3 -29.11 6.83 -28.39
N GLY B 4 -29.39 5.79 -27.61
CA GLY B 4 -30.76 5.52 -27.11
C GLY B 4 -31.23 6.55 -26.09
N ALA B 5 -32.50 6.50 -25.74
CA ALA B 5 -33.07 7.51 -24.87
C ALA B 5 -32.42 7.46 -23.46
N GLY B 6 -32.18 6.27 -22.95
CA GLY B 6 -31.57 6.13 -21.62
C GLY B 6 -30.20 6.79 -21.60
N ALA B 7 -29.36 6.44 -22.56
CA ALA B 7 -28.05 7.07 -22.66
C ALA B 7 -28.16 8.59 -22.80
N MET B 8 -29.03 9.07 -23.68
CA MET B 8 -29.16 10.51 -23.86
C MET B 8 -29.68 11.20 -22.59
N THR B 9 -30.53 10.50 -21.84
CA THR B 9 -31.00 11.05 -20.57
C THR B 9 -29.82 11.27 -19.63
N ILE B 10 -28.91 10.31 -19.58
CA ILE B 10 -27.73 10.45 -18.71
C ILE B 10 -26.78 11.50 -19.26
N VAL B 11 -26.60 11.56 -20.58
CA VAL B 11 -25.79 12.60 -21.15
C VAL B 11 -26.30 13.98 -20.78
N ASN B 12 -27.61 14.19 -20.89
CA ASN B 12 -28.20 15.48 -20.65
C ASN B 12 -28.07 15.81 -19.17
N ARG B 13 -28.19 14.81 -18.30
CA ARG B 13 -28.09 15.00 -16.87
C ARG B 13 -26.67 15.46 -16.52
N ILE B 14 -25.71 14.84 -17.15
CA ILE B 14 -24.32 15.26 -16.95
C ILE B 14 -24.05 16.69 -17.41
N ARG B 15 -24.50 17.02 -18.61
CA ARG B 15 -24.29 18.36 -19.16
C ARG B 15 -24.94 19.40 -18.27
N THR B 16 -26.15 19.13 -17.82
CA THR B 16 -26.83 20.05 -16.91
C THR B 16 -26.05 20.19 -15.59
N ASP B 17 -25.67 19.07 -14.99
CA ASP B 17 -24.92 19.12 -13.75
C ASP B 17 -23.62 19.91 -13.90
N VAL B 18 -22.90 19.70 -14.99
CA VAL B 18 -21.68 20.45 -15.26
C VAL B 18 -21.90 21.95 -15.35
N VAL B 19 -22.87 22.39 -16.14
CA VAL B 19 -23.17 23.79 -16.19
C VAL B 19 -23.62 24.32 -14.82
N ASN B 20 -24.35 23.54 -14.05
CA ASN B 20 -24.81 24.03 -12.75
C ASN B 20 -23.64 24.20 -11.81
N VAL B 21 -22.67 23.30 -11.87
CA VAL B 21 -21.44 23.49 -11.08
C VAL B 21 -20.76 24.80 -11.46
N ALA B 22 -20.61 25.03 -12.75
CA ALA B 22 -19.93 26.24 -13.19
C ALA B 22 -20.65 27.48 -12.67
N LYS B 23 -21.97 27.50 -12.81
CA LYS B 23 -22.74 28.66 -12.39
C LYS B 23 -22.56 28.86 -10.91
N SER B 24 -22.60 27.75 -10.17
CA SER B 24 -22.56 27.82 -8.74
C SER B 24 -21.28 28.44 -8.22
N PHE B 25 -20.17 28.18 -8.88
CA PHE B 25 -18.86 28.71 -8.44
C PHE B 25 -18.44 29.96 -9.20
N GLY B 26 -19.29 30.44 -10.11
CA GLY B 26 -18.96 31.61 -10.94
C GLY B 26 -17.90 31.33 -11.97
N ALA B 27 -17.73 30.07 -12.38
CA ALA B 27 -16.73 29.70 -13.36
C ALA B 27 -17.19 30.02 -14.78
N GLU B 28 -16.23 30.32 -15.65
CA GLU B 28 -16.52 30.58 -17.05
C GLU B 28 -16.82 29.27 -17.79
N TYR B 29 -17.66 29.35 -18.80
CA TYR B 29 -17.91 28.24 -19.66
C TYR B 29 -18.44 28.74 -20.99
N SER B 30 -18.32 27.90 -22.01
CA SER B 30 -18.73 28.24 -23.35
C SER B 30 -19.68 27.18 -23.85
N GLU B 31 -20.88 27.60 -24.23
CA GLU B 31 -21.85 26.63 -24.79
C GLU B 31 -21.33 25.95 -26.06
N ALA B 32 -20.62 26.66 -26.92
CA ALA B 32 -20.11 26.03 -28.15
C ALA B 32 -19.06 25.00 -27.80
N VAL B 33 -18.20 25.35 -26.84
CA VAL B 33 -17.17 24.39 -26.42
C VAL B 33 -17.78 23.15 -25.79
N ILE B 34 -18.75 23.35 -24.92
CA ILE B 34 -19.41 22.21 -24.29
C ILE B 34 -20.08 21.33 -25.37
N ASP B 35 -20.73 21.95 -26.35
CA ASP B 35 -21.37 21.18 -27.41
C ASP B 35 -20.35 20.30 -28.10
N GLN B 36 -19.19 20.89 -28.42
CA GLN B 36 -18.14 20.15 -29.11
C GLN B 36 -17.66 18.96 -28.26
N ILE B 37 -17.41 19.22 -26.98
CA ILE B 37 -16.94 18.16 -26.08
C ILE B 37 -17.97 17.04 -26.03
N PHE B 38 -19.23 17.38 -25.79
CA PHE B 38 -20.25 16.36 -25.63
C PHE B 38 -20.54 15.62 -26.93
N GLN B 39 -20.38 16.28 -28.07
CA GLN B 39 -20.62 15.60 -29.33
C GLN B 39 -19.63 14.48 -29.44
N GLY B 40 -18.37 14.73 -29.09
CA GLY B 40 -17.35 13.70 -29.25
C GLY B 40 -17.35 12.68 -28.12
N PHE B 41 -17.56 13.15 -26.90
CA PHE B 41 -17.28 12.36 -25.70
C PHE B 41 -18.46 12.09 -24.79
N GLY B 42 -19.61 12.64 -25.12
CA GLY B 42 -20.77 12.51 -24.24
C GLY B 42 -21.04 11.08 -23.86
N GLU B 43 -20.99 10.20 -24.85
CA GLU B 43 -21.30 8.80 -24.61
C GLU B 43 -20.29 8.17 -23.67
N LYS B 44 -19.04 8.50 -23.85
CA LYS B 44 -18.03 8.00 -22.93
C LYS B 44 -18.29 8.49 -21.51
N PHE B 45 -18.74 9.72 -21.36
CA PHE B 45 -18.93 10.25 -20.04
C PHE B 45 -19.97 9.42 -19.29
N THR B 46 -20.89 8.78 -20.01
CA THR B 46 -21.97 8.06 -19.34
C THR B 46 -21.57 6.77 -18.68
N ASN B 47 -20.47 6.15 -19.08
CA ASN B 47 -20.15 4.84 -18.52
C ASN B 47 -18.68 4.49 -18.41
N THR B 48 -17.87 5.52 -18.24
CA THR B 48 -16.48 5.33 -17.91
C THR B 48 -16.21 6.06 -16.59
N GLY B 49 -14.96 6.16 -16.21
CA GLY B 49 -14.61 6.84 -14.98
C GLY B 49 -14.63 8.34 -15.11
N PHE B 50 -15.82 8.90 -14.96
CA PHE B 50 -16.06 10.32 -15.21
C PHE B 50 -16.06 11.14 -13.93
N ALA B 51 -15.46 12.32 -13.99
CA ALA B 51 -15.47 13.22 -12.85
C ALA B 51 -15.63 14.68 -13.26
N ILE B 52 -16.17 15.48 -12.34
CA ILE B 52 -16.22 16.92 -12.51
C ILE B 52 -15.28 17.50 -11.45
N ARG B 53 -14.43 18.44 -11.86
CA ARG B 53 -13.40 19.03 -11.03
C ARG B 53 -13.65 20.53 -10.94
N VAL B 54 -13.48 21.12 -9.75
CA VAL B 54 -13.27 22.55 -9.62
C VAL B 54 -11.91 22.80 -8.99
N GLN B 55 -11.27 23.88 -9.39
CA GLN B 55 -9.99 24.24 -8.80
C GLN B 55 -9.98 25.74 -8.59
N ASN B 56 -9.14 26.22 -7.67
CA ASN B 56 -9.20 27.61 -7.25
C ASN B 56 -7.86 28.28 -7.26
N LYS B 57 -7.30 28.48 -8.44
CA LYS B 57 -6.12 29.31 -8.53
C LYS B 57 -6.29 30.73 -7.98
N ARG B 58 -5.22 31.18 -7.32
CA ARG B 58 -5.24 32.44 -6.58
C ARG B 58 -5.61 33.61 -7.49
N ASN B 59 -6.51 34.47 -6.99
CA ASN B 59 -6.91 35.72 -7.67
C ASN B 59 -7.40 35.49 -9.08
N GLN B 60 -8.00 34.34 -9.32
CA GLN B 60 -8.72 34.17 -10.57
C GLN B 60 -10.02 33.44 -10.33
N LYS B 61 -10.83 33.34 -11.39
CA LYS B 61 -12.08 32.64 -11.23
C LYS B 61 -11.78 31.16 -10.94
N VAL B 62 -12.67 30.50 -10.18
CA VAL B 62 -12.68 29.06 -10.14
C VAL B 62 -12.79 28.52 -11.57
N ASP B 63 -12.07 27.46 -11.90
CA ASP B 63 -12.19 26.78 -13.19
C ASP B 63 -13.00 25.50 -12.96
N CYS B 64 -13.76 25.13 -13.99
CA CYS B 64 -14.48 23.87 -14.01
C CYS B 64 -13.95 23.00 -15.15
N ASN B 65 -13.49 21.81 -14.78
CA ASN B 65 -12.94 20.81 -15.70
CA ASN B 65 -12.90 20.86 -15.71
C ASN B 65 -13.68 19.52 -15.61
N ILE B 66 -13.90 18.89 -16.75
CA ILE B 66 -14.51 17.57 -16.72
C ILE B 66 -13.55 16.57 -17.32
N ARG B 67 -13.58 15.35 -16.83
CA ARG B 67 -12.56 14.37 -17.24
C ARG B 67 -13.04 12.96 -17.17
N TYR B 68 -12.38 12.06 -17.90
CA TYR B 68 -12.70 10.66 -17.76
C TYR B 68 -11.50 9.81 -18.07
N GLY B 69 -11.52 8.59 -17.55
CA GLY B 69 -10.56 7.58 -17.96
C GLY B 69 -11.29 6.26 -18.22
N GLU B 70 -10.68 5.42 -19.07
CA GLU B 70 -11.14 4.04 -19.22
C GLU B 70 -9.99 3.10 -19.54
N ALA B 71 -10.23 1.82 -19.29
CA ALA B 71 -9.20 0.81 -19.40
C ALA B 71 -9.16 0.26 -20.82
N LYS B 72 -8.63 1.04 -21.72
CA LYS B 72 -8.30 0.59 -23.06
C LYS B 72 -6.82 0.83 -23.29
N GLU B 73 -6.24 -0.01 -24.13
CA GLU B 73 -4.81 -0.01 -24.42
C GLU B 73 -4.42 1.06 -25.45
N ASN B 74 -5.38 1.55 -26.20
CA ASN B 74 -5.14 2.53 -27.25
C ASN B 74 -5.73 3.88 -26.82
N CYS B 75 -5.11 4.96 -27.28
CA CYS B 75 -5.52 6.30 -26.90
C CYS B 75 -6.72 6.77 -27.73
N LEU B 76 -7.91 6.31 -27.34
CA LEU B 76 -9.12 6.58 -28.10
C LEU B 76 -9.49 8.05 -28.13
N ALA B 77 -9.08 8.83 -27.14
CA ALA B 77 -9.42 10.23 -27.09
C ALA B 77 -8.78 11.02 -28.19
N TRP B 78 -7.60 10.59 -28.64
CA TRP B 78 -6.89 11.35 -29.65
C TRP B 78 -7.67 11.47 -30.96
N ASP B 79 -8.07 10.36 -31.55
CA ASP B 79 -8.88 10.44 -32.76
C ASP B 79 -10.18 11.16 -32.55
N ILE B 80 -10.84 10.90 -31.42
CA ILE B 80 -12.11 11.56 -31.20
C ILE B 80 -11.91 13.07 -31.14
N ALA B 81 -10.92 13.50 -30.39
CA ALA B 81 -10.65 14.90 -30.24
C ALA B 81 -10.28 15.50 -31.59
N ARG B 82 -9.46 14.82 -32.36
CA ARG B 82 -9.08 15.35 -33.69
C ARG B 82 -10.34 15.57 -34.56
N GLU B 83 -11.15 14.52 -34.63
CA GLU B 83 -12.38 14.57 -35.43
C GLU B 83 -13.39 15.62 -34.93
N SER B 84 -13.44 15.87 -33.64
CA SER B 84 -14.40 16.79 -33.07
C SER B 84 -13.98 18.25 -33.18
N GLY B 85 -12.80 18.53 -33.73
CA GLY B 85 -12.29 19.91 -33.76
C GLY B 85 -11.67 20.38 -32.45
N LEU B 86 -11.41 19.46 -31.54
CA LEU B 86 -10.94 19.81 -30.19
C LEU B 86 -9.43 19.73 -30.02
N LEU B 87 -8.74 19.23 -31.04
CA LEU B 87 -7.29 19.09 -30.94
C LEU B 87 -6.64 19.32 -32.30
N SER B 88 -5.99 20.45 -32.46
CA SER B 88 -5.22 20.60 -33.68
C SER B 88 -3.78 20.92 -33.37
N ASP B 89 -2.92 20.66 -34.34
CA ASP B 89 -1.51 20.90 -34.15
C ASP B 89 -1.21 22.38 -34.04
N GLN B 90 -0.30 22.69 -33.14
CA GLN B 90 0.12 24.06 -32.87
C GLN B 90 1.59 24.28 -33.27
N GLY B 91 2.29 23.26 -33.75
CA GLY B 91 3.72 23.39 -34.06
C GLY B 91 4.53 23.47 -32.78
N HIS B 92 4.36 22.45 -31.96
CA HIS B 92 4.97 22.43 -30.63
C HIS B 92 5.20 20.98 -30.30
N PRO B 93 6.22 20.66 -29.49
CA PRO B 93 6.47 19.27 -29.13
C PRO B 93 5.28 18.55 -28.51
N VAL B 94 4.34 19.23 -27.89
CA VAL B 94 3.13 18.51 -27.43
C VAL B 94 2.37 17.81 -28.56
N ASP B 95 2.54 18.29 -29.79
CA ASP B 95 1.78 17.73 -30.93
C ASP B 95 2.00 16.23 -31.09
N THR B 96 3.19 15.73 -30.79
CA THR B 96 3.48 14.32 -31.04
C THR B 96 3.77 13.53 -29.75
N LEU B 97 3.70 14.17 -28.59
CA LEU B 97 4.14 13.53 -27.35
C LEU B 97 3.26 12.37 -26.89
N ILE B 98 1.94 12.50 -26.93
CA ILE B 98 1.11 11.38 -26.49
C ILE B 98 1.30 10.17 -27.39
N GLN B 99 1.50 10.42 -28.68
CA GLN B 99 1.74 9.30 -29.58
C GLN B 99 3.04 8.57 -29.20
N GLU B 100 4.07 9.33 -28.84
CA GLU B 100 5.35 8.76 -28.47
C GLU B 100 5.23 7.98 -27.19
N MET B 101 4.42 8.48 -26.27
CA MET B 101 4.23 7.79 -25.00
C MET B 101 3.57 6.43 -25.25
N PHE B 102 2.53 6.37 -26.08
CA PHE B 102 1.87 5.10 -26.33
C PHE B 102 2.79 4.15 -27.11
N GLN B 103 3.68 4.69 -27.94
CA GLN B 103 4.66 3.83 -28.64
C GLN B 103 5.71 3.30 -27.68
N ALA B 104 6.12 4.10 -26.72
CA ALA B 104 7.23 3.74 -25.87
C ALA B 104 6.86 2.80 -24.73
N ILE B 105 5.68 2.98 -24.16
CA ILE B 105 5.27 2.19 -23.00
C ILE B 105 3.82 1.71 -23.18
N PRO B 106 3.58 0.40 -23.07
CA PRO B 106 2.22 -0.09 -23.25
C PRO B 106 1.27 0.48 -22.21
N ALA B 107 0.07 0.79 -22.60
CA ALA B 107 -0.90 1.35 -21.66
C ALA B 107 -1.92 0.31 -21.23
N ILE B 108 -2.38 0.43 -20.00
CA ILE B 108 -3.55 -0.31 -19.56
C ILE B 108 -4.79 0.57 -19.53
N ALA B 109 -4.58 1.87 -19.62
CA ALA B 109 -5.71 2.79 -19.68
C ALA B 109 -5.31 4.13 -20.27
N TYR B 110 -6.30 4.94 -20.58
CA TYR B 110 -6.05 6.31 -21.04
C TYR B 110 -7.15 7.21 -20.49
N GLY B 111 -6.98 8.50 -20.68
CA GLY B 111 -8.01 9.42 -20.28
C GLY B 111 -7.86 10.78 -20.94
N ALA B 112 -8.80 11.66 -20.64
CA ALA B 112 -8.72 13.01 -21.14
C ALA B 112 -9.44 13.99 -20.24
N ASP B 113 -9.03 15.25 -20.30
CA ASP B 113 -9.74 16.25 -19.54
C ASP B 113 -9.92 17.53 -20.29
N PHE B 114 -11.01 18.21 -19.95
CA PHE B 114 -11.50 19.35 -20.69
C PHE B 114 -11.81 20.50 -19.75
N ASP B 115 -11.40 21.72 -20.10
CA ASP B 115 -11.85 22.92 -19.41
C ASP B 115 -13.04 23.38 -20.22
N ILE B 116 -14.16 23.60 -19.57
CA ILE B 116 -15.38 23.87 -20.31
C ILE B 116 -15.46 25.29 -20.85
N ASN B 117 -14.43 26.09 -20.64
CA ASN B 117 -14.36 27.36 -21.32
C ASN B 117 -13.31 27.38 -22.41
N TYR B 118 -12.78 26.20 -22.75
CA TYR B 118 -11.64 26.12 -23.66
C TYR B 118 -11.68 24.97 -24.65
N GLY B 119 -11.79 23.75 -24.14
CA GLY B 119 -11.71 22.56 -24.96
C GLY B 119 -10.90 21.49 -24.25
N LEU B 120 -10.29 20.62 -25.05
CA LEU B 120 -9.44 19.58 -24.53
C LEU B 120 -8.17 20.17 -23.98
N VAL B 121 -7.82 19.81 -22.76
CA VAL B 121 -6.61 20.31 -22.12
C VAL B 121 -5.54 19.23 -22.05
N LYS B 122 -5.88 18.03 -21.58
CA LYS B 122 -4.91 16.95 -21.49
C LYS B 122 -5.41 15.62 -22.02
N ILE B 123 -4.46 14.78 -22.40
CA ILE B 123 -4.70 13.35 -22.62
C ILE B 123 -3.74 12.60 -21.70
N TRP B 124 -4.24 11.52 -21.11
CA TRP B 124 -3.50 10.71 -20.17
C TRP B 124 -3.12 9.38 -20.78
N HIS B 125 -1.99 8.89 -20.31
CA HIS B 125 -1.49 7.56 -20.56
C HIS B 125 -1.27 6.89 -19.19
N LEU B 126 -1.82 5.70 -18.99
CA LEU B 126 -1.59 4.95 -17.76
C LEU B 126 -0.99 3.60 -18.09
N PRO B 127 0.29 3.40 -17.74
CA PRO B 127 0.82 2.07 -17.91
C PRO B 127 0.54 1.22 -16.71
N LYS B 128 0.95 -0.04 -16.75
CA LYS B 128 1.15 -0.70 -15.46
C LYS B 128 2.32 0.01 -14.82
N ILE B 129 2.43 -0.07 -13.51
CA ILE B 129 3.51 0.65 -12.86
C ILE B 129 4.85 0.14 -13.37
N VAL B 130 5.69 1.09 -13.76
CA VAL B 130 6.97 0.79 -14.38
C VAL B 130 8.06 1.64 -13.78
N PRO B 131 9.29 1.20 -13.93
CA PRO B 131 10.41 2.04 -13.48
C PRO B 131 10.39 3.33 -14.27
N VAL B 132 10.67 4.44 -13.59
CA VAL B 132 10.62 5.77 -14.20
C VAL B 132 11.57 5.90 -15.38
N GLU B 133 12.66 5.14 -15.39
CA GLU B 133 13.62 5.13 -16.48
C GLU B 133 12.96 4.80 -17.82
N GLU B 134 11.85 4.06 -17.82
CA GLU B 134 11.18 3.75 -19.07
C GLU B 134 10.67 4.99 -19.79
N ALA B 135 10.40 6.07 -19.06
CA ALA B 135 9.97 7.31 -19.67
C ALA B 135 11.07 8.04 -20.41
N PHE B 136 12.32 7.81 -20.03
CA PHE B 136 13.39 8.58 -20.58
C PHE B 136 13.62 8.34 -22.05
N LYS B 137 13.15 7.23 -22.60
CA LYS B 137 13.30 6.98 -24.04
C LYS B 137 12.36 7.82 -24.93
N ILE B 138 11.31 8.39 -24.33
CA ILE B 138 10.40 9.24 -25.10
C ILE B 138 11.11 10.50 -25.64
N PRO B 139 11.24 10.63 -26.96
CA PRO B 139 12.10 11.66 -27.58
C PRO B 139 11.71 13.11 -27.27
N SER B 140 10.42 13.42 -27.33
CA SER B 140 9.95 14.78 -27.17
C SER B 140 9.67 15.21 -25.75
N LEU B 141 10.04 14.41 -24.75
CA LEU B 141 9.96 14.90 -23.38
C LEU B 141 10.81 16.14 -23.18
N PRO B 142 10.37 17.07 -22.34
CA PRO B 142 11.23 18.21 -22.03
C PRO B 142 12.58 17.74 -21.50
N LYS B 143 13.65 18.48 -21.81
CA LYS B 143 14.98 18.15 -21.30
C LYS B 143 15.02 18.07 -19.77
N SER B 144 14.20 18.89 -19.14
CA SER B 144 14.14 18.97 -17.69
C SER B 144 13.81 17.63 -17.02
N VAL B 145 13.15 16.70 -17.71
CA VAL B 145 12.83 15.45 -17.06
C VAL B 145 14.12 14.68 -16.75
N ASN B 146 15.00 14.58 -17.71
CA ASN B 146 16.28 13.95 -17.47
C ASN B 146 17.11 14.71 -16.49
N ALA B 147 17.01 16.03 -16.49
CA ALA B 147 17.76 16.84 -15.56
C ALA B 147 17.32 16.61 -14.14
N HIS B 148 16.31 15.76 -13.91
CA HIS B 148 15.82 15.51 -12.58
C HIS B 148 15.89 14.05 -12.15
N ILE B 149 16.76 13.29 -12.79
CA ILE B 149 16.98 11.90 -12.44
C ILE B 149 17.37 11.76 -10.97
N ASP B 150 18.28 12.60 -10.51
CA ASP B 150 18.71 12.47 -9.13
C ASP B 150 17.64 12.87 -8.10
N PHE B 151 16.92 13.93 -8.41
CA PHE B 151 15.76 14.33 -7.63
C PHE B 151 14.78 13.18 -7.49
N PHE B 152 14.46 12.50 -8.58
CA PHE B 152 13.49 11.42 -8.52
C PHE B 152 13.98 10.35 -7.55
N LYS B 153 15.25 9.97 -7.64
CA LYS B 153 15.75 8.89 -6.80
C LYS B 153 15.71 9.29 -5.34
N LYS B 154 16.07 10.54 -5.08
CA LYS B 154 16.16 11.00 -3.69
C LYS B 154 14.80 10.94 -3.01
N TYR B 155 13.75 11.24 -3.75
CA TYR B 155 12.42 11.29 -3.18
C TYR B 155 11.56 10.04 -3.44
N HIS B 156 12.22 8.93 -3.78
CA HIS B 156 11.54 7.66 -3.99
C HIS B 156 10.45 7.77 -5.06
N LEU B 157 10.74 8.56 -6.09
CA LEU B 157 9.90 8.65 -7.25
C LEU B 157 10.48 7.70 -8.30
N ASP B 158 10.36 6.41 -8.01
CA ASP B 158 10.92 5.35 -8.81
C ASP B 158 9.89 4.57 -9.65
N ALA B 159 8.62 4.78 -9.33
CA ALA B 159 7.53 3.96 -9.83
C ALA B 159 6.52 4.85 -10.54
N LEU B 160 6.65 4.92 -11.85
CA LEU B 160 5.77 5.74 -12.68
C LEU B 160 4.44 5.03 -12.86
N CYS B 161 3.34 5.74 -12.59
CA CYS B 161 2.01 5.20 -12.71
C CYS B 161 1.14 5.87 -13.75
N ALA B 162 1.59 6.99 -14.31
CA ALA B 162 0.85 7.67 -15.39
C ALA B 162 1.71 8.79 -15.99
N LEU B 163 1.32 9.23 -17.19
CA LEU B 163 1.92 10.34 -17.87
C LEU B 163 0.80 11.18 -18.45
N THR B 164 0.96 12.50 -18.50
CA THR B 164 0.01 13.32 -19.24
C THR B 164 0.67 14.36 -20.12
N VAL B 165 -0.08 14.80 -21.14
CA VAL B 165 0.34 15.90 -22.00
C VAL B 165 -0.70 17.00 -21.90
N ASP B 166 -0.27 18.24 -21.64
CA ASP B 166 -1.17 19.37 -21.50
C ASP B 166 -0.95 20.29 -22.68
N TYR B 167 -1.90 20.19 -23.59
CA TYR B 167 -1.87 20.92 -24.84
C TYR B 167 -2.11 22.39 -24.69
N ARG B 168 -2.78 22.80 -23.63
CA ARG B 168 -3.06 24.20 -23.41
C ARG B 168 -1.84 24.89 -22.78
N ASN B 169 -1.35 24.31 -21.69
CA ASN B 169 -0.27 24.84 -20.84
C ASN B 169 1.10 24.54 -21.41
N LYS B 170 1.18 23.64 -22.40
CA LYS B 170 2.42 23.17 -22.96
C LYS B 170 3.33 22.61 -21.88
N SER B 171 2.88 21.53 -21.26
CA SER B 171 3.62 20.91 -20.18
C SER B 171 3.32 19.42 -20.14
N THR B 172 4.09 18.70 -19.34
CA THR B 172 3.87 17.29 -19.24
C THR B 172 4.03 16.92 -17.79
N ASN B 173 3.20 16.01 -17.30
CA ASN B 173 3.30 15.56 -15.90
C ASN B 173 3.74 14.10 -15.87
N LEU B 174 4.59 13.78 -14.91
CA LEU B 174 4.91 12.40 -14.59
C LEU B 174 4.25 12.15 -13.22
N TYR B 175 3.57 11.01 -13.11
CA TYR B 175 2.87 10.64 -11.88
C TYR B 175 3.55 9.41 -11.30
N PHE B 176 3.69 9.41 -9.99
CA PHE B 176 4.36 8.34 -9.27
C PHE B 176 3.47 7.72 -8.23
N ASP B 177 3.63 6.41 -8.07
CA ASP B 177 3.02 5.65 -6.97
C ASP B 177 3.81 5.92 -5.69
N ALA B 178 3.19 6.59 -4.74
CA ALA B 178 3.91 7.01 -3.53
C ALA B 178 3.85 5.89 -2.51
N HIS B 179 4.62 4.85 -2.77
CA HIS B 179 4.57 3.59 -2.05
C HIS B 179 5.50 3.58 -0.85
N HIS B 180 6.44 4.50 -0.80
CA HIS B 180 7.55 4.35 0.13
C HIS B 180 7.14 4.78 1.55
N PRO B 181 7.64 4.04 2.55
CA PRO B 181 7.34 4.41 3.92
C PRO B 181 7.75 5.82 4.28
N GLU B 182 8.79 6.36 3.67
CA GLU B 182 9.16 7.74 3.97
C GLU B 182 8.04 8.69 3.50
N GLN B 183 7.26 8.27 2.51
CA GLN B 183 6.14 9.08 2.02
C GLN B 183 4.92 9.09 2.96
N ARG B 184 5.04 8.36 4.08
CA ARG B 184 4.02 8.34 5.09
C ARG B 184 4.36 9.35 6.20
N THR B 185 5.40 10.16 5.99
CA THR B 185 5.88 11.11 7.01
C THR B 185 5.71 12.53 6.53
N THR B 186 5.41 13.44 7.46
CA THR B 186 5.27 14.82 7.11
C THR B 186 6.57 15.43 6.60
N GLN B 187 7.71 15.00 7.12
CA GLN B 187 8.97 15.63 6.75
C GLN B 187 9.28 15.42 5.27
N PHE B 188 8.84 14.29 4.73
CA PHE B 188 9.06 14.05 3.30
C PHE B 188 8.49 15.18 2.47
N TYR B 189 7.24 15.59 2.75
CA TYR B 189 6.59 16.62 1.98
C TYR B 189 7.26 17.98 2.23
N LYS B 190 7.66 18.26 3.45
CA LYS B 190 8.40 19.48 3.69
C LYS B 190 9.66 19.47 2.86
N ASN B 191 10.39 18.36 2.86
CA ASN B 191 11.65 18.29 2.16
C ASN B 191 11.49 18.46 0.67
N ILE B 192 10.53 17.75 0.08
CA ILE B 192 10.37 17.83 -1.38
C ILE B 192 9.98 19.21 -1.86
N LEU B 193 9.13 19.89 -1.10
CA LEU B 193 8.74 21.25 -1.43
C LEU B 193 9.94 22.18 -1.25
N GLN B 194 10.67 22.03 -0.14
CA GLN B 194 11.85 22.85 0.08
C GLN B 194 12.90 22.67 -0.99
N SER B 195 13.01 21.47 -1.56
CA SER B 195 14.01 21.24 -2.58
C SER B 195 13.82 22.16 -3.78
N GLN B 196 12.57 22.55 -4.02
CA GLN B 196 12.21 23.38 -5.13
C GLN B 196 11.94 24.82 -4.73
N GLN B 197 12.11 25.13 -3.45
CA GLN B 197 11.72 26.44 -2.88
C GLN B 197 10.23 26.77 -3.12
N PHE B 198 9.40 25.73 -3.03
CA PHE B 198 7.96 25.90 -3.11
C PHE B 198 7.42 26.21 -1.74
N GLU B 199 6.22 26.78 -1.65
CA GLU B 199 5.69 27.06 -0.33
C GLU B 199 5.26 25.82 0.41
N VAL B 200 5.56 25.79 1.70
CA VAL B 200 5.27 24.61 2.50
C VAL B 200 3.97 24.88 3.24
N PRO B 201 3.04 23.92 3.24
CA PRO B 201 1.72 24.24 3.80
C PRO B 201 1.68 24.11 5.31
N SER B 202 0.52 24.35 5.91
CA SER B 202 0.33 24.21 7.35
C SER B 202 0.60 22.78 7.81
N ASP B 203 0.82 22.61 9.10
CA ASP B 203 1.01 21.26 9.63
C ASP B 203 -0.24 20.43 9.40
N GLU B 204 -1.40 21.06 9.48
CA GLU B 204 -2.62 20.33 9.30
C GLU B 204 -2.71 19.74 7.88
N VAL B 205 -2.27 20.51 6.90
CA VAL B 205 -2.23 20.02 5.53
C VAL B 205 -1.19 18.92 5.38
N LEU B 206 -0.04 19.13 6.00
CA LEU B 206 1.01 18.08 5.94
C LEU B 206 0.50 16.75 6.51
N GLU B 207 -0.29 16.82 7.56
CA GLU B 207 -0.85 15.58 8.12
C GLU B 207 -1.83 14.92 7.16
N ILE B 208 -2.47 15.70 6.29
CA ILE B 208 -3.33 15.12 5.27
C ILE B 208 -2.52 14.42 4.16
N LEU B 209 -1.36 14.99 3.83
CA LEU B 209 -0.55 14.51 2.73
C LEU B 209 0.10 13.18 3.00
N VAL B 210 0.24 12.79 4.27
CA VAL B 210 0.87 11.49 4.54
C VAL B 210 0.11 10.30 3.97
N ASN B 211 -1.18 10.48 3.66
CA ASN B 211 -1.98 9.45 3.03
C ASN B 211 -1.99 9.51 1.51
N CYS B 212 -1.18 10.39 0.93
CA CYS B 212 -1.08 10.53 -0.51
C CYS B 212 -0.55 9.29 -1.18
N PRO B 213 -1.31 8.66 -2.10
CA PRO B 213 -0.77 7.54 -2.87
C PRO B 213 -0.15 7.92 -4.23
N GLU B 214 -0.29 9.18 -4.62
CA GLU B 214 0.14 9.56 -5.97
C GLU B 214 0.68 10.97 -5.96
N ILE B 215 1.85 11.13 -6.56
CA ILE B 215 2.51 12.42 -6.63
C ILE B 215 2.75 12.78 -8.10
N ALA B 216 2.34 13.97 -8.53
CA ALA B 216 2.60 14.44 -9.87
C ALA B 216 3.70 15.49 -9.86
N VAL B 217 4.49 15.47 -10.91
CA VAL B 217 5.54 16.47 -11.09
C VAL B 217 5.45 17.03 -12.50
N THR B 218 5.32 18.35 -12.61
CA THR B 218 5.11 19.01 -13.89
C THR B 218 6.41 19.58 -14.47
N PHE B 219 6.61 19.32 -15.77
CA PHE B 219 7.78 19.79 -16.51
C PHE B 219 7.32 20.52 -17.77
N ASN B 220 8.12 21.46 -18.22
CA ASN B 220 7.82 22.17 -19.45
C ASN B 220 9.09 22.48 -20.24
N TRP B 221 8.87 23.03 -21.43
CA TRP B 221 9.93 23.21 -22.39
C TRP B 221 10.59 24.59 -22.25
N SER B 222 10.10 25.42 -21.35
CA SER B 222 10.51 26.81 -21.28
C SER B 222 11.42 27.06 -20.05
N SER B 223 11.57 26.10 -19.17
CA SER B 223 12.49 26.25 -18.06
C SER B 223 13.08 24.93 -17.68
N PRO B 224 14.23 24.97 -16.98
CA PRO B 224 14.94 23.75 -16.72
C PRO B 224 14.45 23.10 -15.42
N GLY B 225 13.64 23.81 -14.66
CA GLY B 225 13.16 23.36 -13.34
C GLY B 225 11.78 22.70 -13.36
N ILE B 226 11.33 22.27 -12.21
CA ILE B 226 9.98 21.73 -12.04
C ILE B 226 9.01 22.89 -11.94
N GLU B 227 7.91 22.84 -12.69
CA GLU B 227 6.97 23.96 -12.72
C GLU B 227 6.06 23.95 -11.51
N ARG B 228 5.65 22.76 -11.10
CA ARG B 228 4.78 22.60 -9.93
C ARG B 228 4.73 21.11 -9.60
N MET B 229 4.22 20.78 -8.41
CA MET B 229 4.00 19.37 -8.07
C MET B 229 2.66 19.27 -7.36
N CYS B 230 2.08 18.09 -7.36
CA CYS B 230 0.77 17.93 -6.80
C CYS B 230 0.65 16.59 -6.10
N PHE B 231 0.02 16.61 -4.94
CA PHE B 231 -0.13 15.42 -4.14
C PHE B 231 -1.60 15.07 -4.09
N TYR B 232 -1.97 13.87 -4.51
CA TYR B 232 -3.35 13.46 -4.56
C TYR B 232 -3.75 12.61 -3.37
N THR B 233 -4.91 12.91 -2.80
CA THR B 233 -5.46 12.18 -1.64
C THR B 233 -6.92 11.89 -1.95
N ALA B 234 -7.40 10.70 -1.62
CA ALA B 234 -8.77 10.33 -1.89
C ALA B 234 -9.57 10.34 -0.60
N PHE B 235 -10.86 10.61 -0.75
CA PHE B 235 -11.78 10.59 0.39
C PHE B 235 -13.04 9.85 0.00
N VAL B 236 -13.49 8.94 0.85
CA VAL B 236 -14.51 8.00 0.39
C VAL B 236 -15.93 8.56 0.31
N ASN B 237 -16.16 9.70 0.95
CA ASN B 237 -17.49 10.30 0.89
C ASN B 237 -17.38 11.78 1.19
N ARG B 238 -18.51 12.49 1.12
CA ARG B 238 -18.55 13.93 1.30
C ARG B 238 -17.97 14.32 2.66
N GLU B 239 -18.31 13.53 3.67
CA GLU B 239 -18.02 13.95 5.01
C GLU B 239 -16.57 13.85 5.37
N THR B 240 -15.84 12.97 4.73
CA THR B 240 -14.45 12.80 5.06
C THR B 240 -13.53 13.72 4.26
N VAL B 241 -14.07 14.48 3.32
CA VAL B 241 -13.26 15.53 2.69
C VAL B 241 -12.88 16.52 3.80
N PRO B 242 -11.66 17.08 3.74
CA PRO B 242 -11.33 18.02 4.81
C PRO B 242 -11.91 19.41 4.51
N GLN B 243 -13.21 19.50 4.71
CA GLN B 243 -13.98 20.65 4.32
C GLN B 243 -13.53 21.93 4.99
N HIS B 244 -13.01 21.78 6.20
CA HIS B 244 -12.64 22.95 6.98
C HIS B 244 -11.41 23.68 6.43
N ILE B 245 -10.65 23.08 5.54
CA ILE B 245 -9.39 23.68 5.08
C ILE B 245 -9.60 24.90 4.18
N ASN B 246 -10.65 24.89 3.35
CA ASN B 246 -10.87 25.98 2.41
C ASN B 246 -12.35 25.98 2.02
N PRO B 247 -12.91 27.16 1.73
CA PRO B 247 -14.33 27.24 1.34
C PRO B 247 -14.68 26.40 0.11
N VAL B 248 -13.76 26.31 -0.85
CA VAL B 248 -14.06 25.51 -2.05
C VAL B 248 -14.18 24.02 -1.78
N LEU B 249 -13.38 23.51 -0.86
CA LEU B 249 -13.49 22.12 -0.50
C LEU B 249 -14.83 21.85 0.19
N LYS B 250 -15.22 22.72 1.10
CA LYS B 250 -16.48 22.53 1.80
C LYS B 250 -17.65 22.60 0.83
N LYS B 251 -17.70 23.64 0.00
CA LYS B 251 -18.83 23.82 -0.91
C LYS B 251 -18.95 22.68 -1.89
N PHE B 252 -17.84 22.30 -2.51
CA PHE B 252 -17.91 21.20 -3.50
C PHE B 252 -18.19 19.85 -2.86
N ALA B 253 -17.61 19.59 -1.68
CA ALA B 253 -17.92 18.34 -1.02
C ALA B 253 -19.43 18.26 -0.72
N GLN B 254 -20.00 19.36 -0.23
CA GLN B 254 -21.42 19.34 0.16
C GLN B 254 -22.35 19.34 -1.05
N GLU B 255 -21.91 19.96 -2.16
CA GLU B 255 -22.84 20.30 -3.23
C GLU B 255 -22.53 19.67 -4.58
N ALA B 256 -21.39 19.02 -4.73
CA ALA B 256 -21.10 18.44 -6.04
C ALA B 256 -22.18 17.43 -6.43
N PRO B 257 -22.55 17.41 -7.68
CA PRO B 257 -23.50 16.45 -8.19
C PRO B 257 -22.85 15.13 -8.49
N ALA B 258 -23.66 14.08 -8.41
CA ALA B 258 -23.22 12.73 -8.75
C ALA B 258 -24.47 11.85 -8.93
N LEU B 259 -24.31 10.70 -9.53
CA LEU B 259 -25.43 9.76 -9.62
C LEU B 259 -25.56 8.90 -8.37
N LEU B 260 -24.54 8.94 -7.52
CA LEU B 260 -24.56 8.34 -6.19
C LEU B 260 -25.02 9.38 -5.18
N ASP B 261 -25.65 8.94 -4.10
CA ASP B 261 -26.04 9.91 -3.07
C ASP B 261 -24.85 10.52 -2.35
N ASN B 262 -23.88 9.66 -2.09
CA ASN B 262 -22.73 10.10 -1.32
C ASN B 262 -21.42 9.63 -2.00
N PRO B 263 -21.00 10.35 -3.03
CA PRO B 263 -19.82 9.96 -3.75
C PRO B 263 -18.54 10.26 -3.02
N GLY B 264 -17.47 9.58 -3.45
CA GLY B 264 -16.13 9.91 -3.02
C GLY B 264 -15.54 11.05 -3.82
N PHE B 265 -14.36 11.51 -3.39
CA PHE B 265 -13.69 12.62 -4.06
C PHE B 265 -12.20 12.36 -4.14
N LEU B 266 -11.53 13.02 -5.08
CA LEU B 266 -10.08 13.07 -5.12
C LEU B 266 -9.71 14.52 -4.98
N VAL B 267 -8.76 14.83 -4.11
CA VAL B 267 -8.30 16.20 -3.96
C VAL B 267 -6.82 16.22 -4.33
N GLY B 268 -6.44 17.18 -5.16
CA GLY B 268 -5.03 17.38 -5.45
C GLY B 268 -4.55 18.67 -4.80
N TRP B 269 -3.46 18.58 -4.05
CA TRP B 269 -2.88 19.72 -3.37
C TRP B 269 -1.66 20.13 -4.20
N SER B 270 -1.78 21.24 -4.92
CA SER B 270 -0.76 21.68 -5.83
C SER B 270 0.11 22.72 -5.17
N PHE B 271 1.40 22.66 -5.49
CA PHE B 271 2.36 23.60 -4.97
C PHE B 271 3.31 24.09 -6.04
N GLY B 272 3.65 25.36 -5.90
CA GLY B 272 4.53 26.05 -6.80
C GLY B 272 5.42 27.06 -6.08
N PRO B 273 6.12 27.88 -6.85
CA PRO B 273 7.05 28.87 -6.28
C PRO B 273 6.53 29.69 -5.11
N ASP B 274 7.30 29.73 -4.02
CA ASP B 274 6.98 30.41 -2.76
C ASP B 274 6.72 31.93 -2.88
N LYS B 277 2.11 31.66 -7.56
CA LYS B 277 1.35 30.63 -8.27
C LYS B 277 1.83 29.16 -8.26
N GLY B 278 0.99 28.26 -8.76
CA GLY B 278 1.25 26.84 -8.66
C GLY B 278 0.66 26.23 -7.38
N THR B 279 0.24 27.07 -6.42
CA THR B 279 -0.27 26.60 -5.12
C THR B 279 -1.79 26.82 -4.95
N TYR B 280 -2.53 25.72 -4.97
CA TYR B 280 -3.99 25.77 -4.99
C TYR B 280 -4.53 24.34 -4.78
N ILE B 281 -5.85 24.19 -4.78
CA ILE B 281 -6.52 22.91 -4.60
C ILE B 281 -7.33 22.54 -5.83
N LYS B 282 -7.42 21.24 -6.10
CA LYS B 282 -8.24 20.67 -7.15
C LYS B 282 -9.13 19.64 -6.48
N ILE B 283 -10.42 19.59 -6.76
CA ILE B 283 -11.26 18.57 -6.16
C ILE B 283 -12.21 18.03 -7.19
N ASP B 284 -12.21 16.71 -7.31
CA ASP B 284 -12.95 15.96 -8.33
C ASP B 284 -14.02 15.12 -7.64
N VAL B 285 -15.26 15.20 -8.10
CA VAL B 285 -16.31 14.30 -7.61
C VAL B 285 -16.37 13.02 -8.43
N ASP B 286 -16.53 11.90 -7.74
CA ASP B 286 -16.56 10.58 -8.37
C ASP B 286 -18.00 10.32 -8.82
N TYR B 287 -18.33 10.87 -9.98
CA TYR B 287 -19.70 11.01 -10.47
C TYR B 287 -20.46 9.69 -10.58
N HIS B 288 -19.81 8.66 -11.10
CA HIS B 288 -20.38 7.34 -11.23
C HIS B 288 -19.91 6.34 -10.18
N GLY B 289 -18.99 6.74 -9.30
CA GLY B 289 -18.50 5.87 -8.25
C GLY B 289 -17.39 4.93 -8.68
N LEU B 290 -16.82 5.13 -9.87
CA LEU B 290 -15.74 4.27 -10.41
C LEU B 290 -14.34 4.82 -10.14
N VAL B 291 -14.23 6.15 -9.95
CA VAL B 291 -12.89 6.77 -9.90
C VAL B 291 -12.13 6.46 -8.61
N VAL B 292 -12.79 6.53 -7.46
CA VAL B 292 -12.07 6.29 -6.22
C VAL B 292 -11.64 4.84 -6.08
N PRO B 293 -12.50 3.90 -6.48
CA PRO B 293 -12.02 2.51 -6.51
C PRO B 293 -10.88 2.30 -7.50
N SER B 294 -10.95 2.95 -8.65
CA SER B 294 -9.86 2.83 -9.65
C SER B 294 -8.56 3.36 -9.06
N PHE B 295 -8.66 4.48 -8.35
CA PHE B 295 -7.48 5.13 -7.77
C PHE B 295 -6.82 4.20 -6.72
N PHE B 296 -7.60 3.63 -5.82
CA PHE B 296 -7.02 2.69 -4.87
C PHE B 296 -6.44 1.48 -5.60
N HIS B 297 -7.18 0.96 -6.58
CA HIS B 297 -6.73 -0.21 -7.33
C HIS B 297 -5.36 -0.01 -7.98
N MET B 298 -5.25 1.12 -8.67
CA MET B 298 -4.06 1.36 -9.43
C MET B 298 -2.84 1.59 -8.53
N HIS B 299 -3.07 1.89 -7.27
CA HIS B 299 -1.98 2.05 -6.30
C HIS B 299 -1.85 0.87 -5.37
N ASN B 300 -2.51 -0.24 -5.72
CA ASN B 300 -2.43 -1.48 -4.96
C ASN B 300 -2.81 -1.29 -3.49
N LEU B 301 -3.86 -0.53 -3.26
CA LEU B 301 -4.39 -0.34 -1.93
C LEU B 301 -5.76 -0.96 -1.81
N PRO B 302 -6.04 -1.60 -0.67
CA PRO B 302 -7.38 -2.18 -0.50
C PRO B 302 -8.45 -1.16 -0.77
N LEU B 303 -9.47 -1.60 -1.52
CA LEU B 303 -10.63 -0.75 -1.82
C LEU B 303 -11.42 -0.51 -0.54
N PRO B 304 -11.80 0.75 -0.29
CA PRO B 304 -12.62 1.04 0.88
C PRO B 304 -14.01 0.38 0.82
N ILE B 305 -14.59 0.29 -0.38
CA ILE B 305 -15.81 -0.47 -0.62
C ILE B 305 -15.44 -1.61 -1.58
N PRO B 306 -15.09 -2.80 -1.04
CA PRO B 306 -14.40 -3.86 -1.80
C PRO B 306 -15.17 -4.48 -2.98
N GLU B 307 -16.48 -4.31 -2.97
CA GLU B 307 -17.33 -4.79 -4.06
C GLU B 307 -17.46 -3.73 -5.16
N ALA B 308 -16.81 -2.58 -4.96
CA ALA B 308 -16.99 -1.49 -5.89
C ALA B 308 -16.24 -1.77 -7.20
N ASN B 309 -16.94 -1.54 -8.31
CA ASN B 309 -16.34 -1.66 -9.62
C ASN B 309 -15.42 -0.46 -9.84
N SER B 310 -14.49 -0.64 -10.77
CA SER B 310 -13.57 0.42 -11.15
C SER B 310 -13.54 0.37 -12.68
N VAL B 311 -12.71 1.22 -13.29
CA VAL B 311 -12.54 1.14 -14.75
C VAL B 311 -11.83 -0.15 -15.19
N PHE B 312 -11.11 -0.78 -14.26
CA PHE B 312 -10.36 -2.04 -14.55
C PHE B 312 -11.20 -3.29 -14.27
N ASP B 313 -12.37 -3.08 -13.67
CA ASP B 313 -13.24 -4.18 -13.26
C ASP B 313 -14.67 -3.67 -13.38
N LEU B 314 -15.13 -3.51 -14.63
CA LEU B 314 -16.37 -2.74 -14.90
C LEU B 314 -17.67 -3.49 -14.46
N PRO B 315 -18.76 -2.75 -14.25
CA PRO B 315 -20.03 -3.31 -13.75
C PRO B 315 -20.49 -4.60 -14.43
C1 DMA C . 6.62 -13.45 13.36
O1 DMA C . 7.75 -14.26 12.92
C2 DMA C . 5.96 -12.69 12.21
C3 DMA C . 4.72 -12.16 12.25
C4 DMA C . 4.22 -11.39 11.08
C5 DMA C . 3.85 -12.24 13.47
PA DMA C . 7.53 -15.85 12.79
O1A DMA C . 6.73 -16.25 11.56
O2A DMA C . 6.96 -16.35 14.10
O3A DMA C . 9.06 -16.35 12.65
PB DMA C . 9.65 -17.86 12.44
O1B DMA C . 10.79 -17.67 11.41
O2B DMA C . 8.47 -18.68 11.92
O3B DMA C . 10.16 -18.35 13.83
N1 IMD D . 6.16 -9.36 14.39
C2 IMD D . 7.12 -9.65 13.47
N3 IMD D . 6.71 -9.08 12.30
C4 IMD D . 5.51 -8.49 12.46
C5 IMD D . 5.16 -8.65 13.80
C1 GOL E . 14.85 -24.63 26.95
O1 GOL E . 15.10 -25.73 27.79
C2 GOL E . 13.69 -23.86 27.54
O2 GOL E . 14.04 -23.33 28.81
C3 GOL E . 13.40 -22.76 26.55
O3 GOL E . 12.48 -21.83 27.10
C1 DMA F . -4.56 13.68 -13.64
O1 DMA F . -3.82 14.85 -13.29
C2 DMA F . -5.78 13.53 -12.76
C3 DMA F . -5.81 12.78 -11.64
C4 DMA F . -4.64 12.04 -11.10
C5 DMA F . -7.09 12.62 -10.87
PA DMA F . -4.44 16.35 -13.11
O1A DMA F . -5.74 16.49 -13.88
O2A DMA F . -4.53 16.67 -11.61
O3A DMA F . -3.22 17.17 -13.75
PB DMA F . -3.06 18.81 -13.75
O1B DMA F . -3.44 19.18 -15.16
O2B DMA F . -1.56 19.05 -13.51
O3B DMA F . -3.98 19.45 -12.73
N1 IMD G . -3.34 10.31 -13.60
C2 IMD G . -3.23 9.39 -12.59
N3 IMD G . -4.44 8.81 -12.42
C4 IMD G . -5.30 9.39 -13.29
C5 IMD G . -4.61 10.33 -14.02
N1 IMD H . 13.41 5.34 5.15
C2 IMD H . 14.17 4.81 4.16
N3 IMD H . 13.94 3.47 4.09
C4 IMD H . 13.04 3.14 5.07
C5 IMD H . 12.69 4.33 5.72
#